data_5CN2
#
_entry.id   5CN2
#
_cell.length_a   54.040
_cell.length_b   110.940
_cell.length_c   90.880
_cell.angle_alpha   90.00
_cell.angle_beta   90.00
_cell.angle_gamma   90.00
#
_symmetry.space_group_name_H-M   'C 2 2 21'
#
loop_
_entity.id
_entity.type
_entity.pdbx_description
1 polymer 'ADP-ribosylation factor-binding protein GGA1'
2 water water
#
_entity_poly.entity_id   1
_entity_poly.type   'polypeptide(L)'
_entity_poly.pdbx_seq_one_letter_code
;SNSKEITAQSQRHILNQSDHLRIDYELTRESMTKLRLVIFYSNISSDPITNFALLVASPKGTTLSLQPQSGNMLQSNSRD
GIKQIASVEGISVNLGKPIKLKWKANYCTKGDSKEESGTTSLPTI
;
_entity_poly.pdbx_strand_id   A,B
#
# COMPACT_ATOMS: atom_id res chain seq x y z
N GLN A 11 -11.90 -19.65 7.07
CA GLN A 11 -10.65 -20.30 6.56
C GLN A 11 -9.71 -19.27 5.91
N ARG A 12 -10.13 -18.67 4.80
CA ARG A 12 -9.32 -17.68 4.08
C ARG A 12 -9.49 -16.29 4.63
N HIS A 13 -8.44 -15.78 5.28
CA HIS A 13 -8.41 -14.46 5.83
C HIS A 13 -7.65 -13.59 4.83
N ILE A 14 -8.02 -12.32 4.74
CA ILE A 14 -7.47 -11.43 3.73
C ILE A 14 -6.37 -10.63 4.38
N LEU A 15 -5.16 -10.77 3.85
CA LEU A 15 -4.02 -9.97 4.29
C LEU A 15 -4.08 -8.62 3.57
N ASN A 16 -4.35 -8.65 2.28
CA ASN A 16 -4.39 -7.42 1.51
C ASN A 16 -5.12 -7.60 0.19
N GLN A 17 -5.83 -6.54 -0.19
CA GLN A 17 -6.50 -6.49 -1.46
C GLN A 17 -6.29 -5.12 -2.08
N SER A 18 -5.54 -5.06 -3.18
CA SER A 18 -5.35 -3.85 -3.97
C SER A 18 -6.23 -4.03 -5.21
N ASP A 19 -5.99 -3.26 -6.26
CA ASP A 19 -6.76 -3.40 -7.49
C ASP A 19 -6.25 -4.53 -8.39
N HIS A 20 -5.00 -4.92 -8.19
CA HIS A 20 -4.33 -5.91 -9.03
C HIS A 20 -4.11 -7.26 -8.37
N LEU A 21 -4.13 -7.30 -7.05
CA LEU A 21 -3.62 -8.44 -6.32
C LEU A 21 -4.40 -8.65 -5.02
N ARG A 22 -4.71 -9.91 -4.74
CA ARG A 22 -5.28 -10.29 -3.44
C ARG A 22 -4.35 -11.30 -2.78
N ILE A 23 -3.92 -10.99 -1.58
CA ILE A 23 -3.12 -11.89 -0.76
C ILE A 23 -4.06 -12.31 0.32
N ASP A 24 -4.31 -13.60 0.43
CA ASP A 24 -5.08 -14.13 1.56
C ASP A 24 -4.42 -15.40 2.05
N TYR A 25 -4.98 -15.99 3.12
CA TYR A 25 -4.28 -17.09 3.79
C TYR A 25 -5.11 -17.92 4.72
N GLU A 26 -4.71 -19.18 4.87
CA GLU A 26 -5.24 -20.07 5.88
C GLU A 26 -4.32 -20.02 7.09
N LEU A 27 -4.90 -20.07 8.27
CA LEU A 27 -4.12 -20.00 9.50
C LEU A 27 -4.58 -21.11 10.42
N THR A 28 -3.71 -22.07 10.67
CA THR A 28 -4.03 -23.20 11.52
C THR A 28 -3.05 -23.32 12.69
N ARG A 29 -3.53 -23.90 13.77
CA ARG A 29 -2.69 -24.17 14.91
C ARG A 29 -2.26 -25.61 14.84
N GLU A 30 -0.96 -25.86 14.71
CA GLU A 30 -0.48 -27.23 14.63
C GLU A 30 -0.20 -27.84 16.00
N SER A 31 0.21 -27.00 16.94
CA SER A 31 0.57 -27.48 18.26
C SER A 31 0.36 -26.33 19.18
N MET A 32 0.77 -26.53 20.42
CA MET A 32 0.64 -25.48 21.41
C MET A 32 1.58 -24.30 21.14
N THR A 33 2.62 -24.51 20.33
CA THR A 33 3.65 -23.45 20.13
C THR A 33 3.82 -23.00 18.68
N LYS A 34 3.01 -23.54 17.78
CA LYS A 34 3.25 -23.43 16.35
C LYS A 34 1.95 -23.19 15.59
N LEU A 35 1.96 -22.14 14.77
CA LEU A 35 0.94 -21.88 13.76
C LEU A 35 1.51 -22.15 12.37
N ARG A 36 0.62 -22.51 11.43
CA ARG A 36 0.98 -22.73 10.04
C ARG A 36 0.23 -21.70 9.19
N LEU A 37 0.96 -20.96 8.35
CA LEU A 37 0.31 -20.03 7.42
C LEU A 37 0.52 -20.52 6.03
N VAL A 38 -0.58 -20.74 5.34
CA VAL A 38 -0.54 -21.03 3.92
C VAL A 38 -1.05 -19.78 3.24
N ILE A 39 -0.15 -19.10 2.52
CA ILE A 39 -0.44 -17.83 1.87
C ILE A 39 -0.69 -18.07 0.38
N PHE A 40 -1.68 -17.36 -0.15
CA PHE A 40 -2.05 -17.50 -1.56
C PHE A 40 -2.09 -16.12 -2.19
N TYR A 41 -1.60 -16.04 -3.42
CA TYR A 41 -1.56 -14.79 -4.14
C TYR A 41 -2.44 -14.90 -5.38
N SER A 42 -3.35 -13.94 -5.55
CA SER A 42 -4.30 -13.95 -6.66
C SER A 42 -4.23 -12.67 -7.52
N ASN A 43 -4.08 -12.83 -8.82
CA ASN A 43 -4.10 -11.71 -9.77
C ASN A 43 -5.55 -11.51 -10.14
N ILE A 44 -6.10 -10.37 -9.73
CA ILE A 44 -7.47 -9.98 -10.09
C ILE A 44 -7.50 -8.87 -11.18
N SER A 45 -6.36 -8.60 -11.81
CA SER A 45 -6.30 -7.71 -12.99
C SER A 45 -6.32 -8.55 -14.26
N SER A 46 -6.64 -7.91 -15.38
CA SER A 46 -6.68 -8.59 -16.70
C SER A 46 -5.32 -8.55 -17.42
N ASP A 47 -4.26 -8.25 -16.66
CA ASP A 47 -2.87 -8.26 -17.15
C ASP A 47 -1.98 -9.12 -16.26
N PRO A 48 -0.99 -9.80 -16.85
CA PRO A 48 -0.09 -10.64 -16.04
C PRO A 48 0.76 -9.88 -15.03
N ILE A 49 1.08 -10.56 -13.92
CA ILE A 49 1.96 -10.07 -12.87
C ILE A 49 3.23 -10.94 -12.85
N THR A 50 4.39 -10.27 -12.83
CA THR A 50 5.69 -10.91 -12.91
C THR A 50 6.57 -10.43 -11.78
N ASN A 51 7.64 -11.19 -11.54
CA ASN A 51 8.65 -10.87 -10.55
C ASN A 51 8.11 -10.68 -9.13
N PHE A 52 7.07 -11.43 -8.78
CA PHE A 52 6.44 -11.28 -7.48
C PHE A 52 7.34 -11.74 -6.36
N ALA A 53 7.35 -10.98 -5.26
CA ALA A 53 8.01 -11.48 -4.05
C ALA A 53 7.46 -10.81 -2.81
N LEU A 54 7.26 -11.62 -1.78
CA LEU A 54 6.81 -11.17 -0.48
C LEU A 54 7.97 -11.21 0.49
N LEU A 55 8.14 -10.15 1.26
CA LEU A 55 9.17 -10.07 2.27
C LEU A 55 8.48 -9.90 3.60
N VAL A 56 9.04 -10.51 4.64
CA VAL A 56 8.40 -10.50 5.93
C VAL A 56 9.41 -10.27 7.03
N ALA A 57 8.99 -9.72 8.14
CA ALA A 57 9.81 -9.63 9.33
C ALA A 57 9.23 -10.55 10.36
N SER A 58 10.01 -10.87 11.38
CA SER A 58 9.52 -11.80 12.37
C SER A 58 8.83 -11.05 13.50
N PRO A 59 7.57 -11.42 13.82
CA PRO A 59 6.84 -10.75 14.89
C PRO A 59 7.58 -10.88 16.22
N LYS A 60 7.27 -9.98 17.15
CA LYS A 60 8.13 -9.73 18.33
C LYS A 60 8.47 -10.94 19.21
N GLY A 61 7.55 -11.87 19.43
CA GLY A 61 7.86 -13.02 20.30
C GLY A 61 7.88 -14.36 19.60
N THR A 62 8.47 -14.35 18.40
CA THR A 62 8.13 -15.32 17.37
C THR A 62 9.31 -15.62 16.48
N THR A 63 9.47 -16.89 16.13
CA THR A 63 10.31 -17.29 15.01
C THR A 63 9.40 -17.53 13.80
N LEU A 64 9.76 -16.94 12.68
CA LEU A 64 9.02 -17.06 11.44
C LEU A 64 9.84 -17.91 10.46
N SER A 65 9.33 -19.08 10.09
CA SER A 65 10.02 -19.91 9.10
C SER A 65 9.31 -19.78 7.77
N LEU A 66 10.01 -19.22 6.79
CA LEU A 66 9.41 -18.90 5.51
C LEU A 66 10.00 -19.83 4.45
N GLN A 67 9.13 -20.67 3.89
CA GLN A 67 9.48 -21.54 2.78
C GLN A 67 9.34 -20.81 1.48
N PRO A 68 10.05 -21.27 0.47
CA PRO A 68 9.99 -20.52 -0.78
C PRO A 68 8.61 -20.60 -1.47
N GLN A 69 8.31 -19.54 -2.21
CA GLN A 69 7.08 -19.50 -2.98
C GLN A 69 7.15 -20.44 -4.17
N SER A 70 5.98 -20.90 -4.58
CA SER A 70 5.87 -21.96 -5.59
C SER A 70 6.27 -21.41 -6.95
N GLY A 71 6.16 -20.09 -7.13
CA GLY A 71 6.49 -19.43 -8.37
C GLY A 71 6.50 -17.95 -8.11
N ASN A 72 6.72 -17.16 -9.15
CA ASN A 72 6.77 -15.71 -9.03
C ASN A 72 6.01 -14.96 -10.14
N MET A 73 5.19 -15.70 -10.87
CA MET A 73 4.38 -15.15 -11.94
C MET A 73 2.91 -15.44 -11.68
N LEU A 74 2.04 -14.50 -12.03
CA LEU A 74 0.59 -14.71 -11.97
C LEU A 74 -0.10 -14.25 -13.26
N GLN A 75 -0.81 -15.18 -13.90
CA GLN A 75 -1.53 -14.89 -15.14
C GLN A 75 -2.71 -13.96 -14.83
N SER A 76 -3.27 -13.35 -15.86
CA SER A 76 -4.48 -12.55 -15.72
C SER A 76 -5.58 -13.35 -15.04
N ASN A 77 -6.35 -12.67 -14.21
CA ASN A 77 -7.47 -13.32 -13.54
C ASN A 77 -7.12 -14.75 -13.07
N SER A 78 -5.96 -14.90 -12.42
CA SER A 78 -5.52 -16.17 -11.82
C SER A 78 -5.75 -16.16 -10.30
N ARG A 79 -6.58 -17.09 -9.83
CA ARG A 79 -6.79 -17.33 -8.42
C ARG A 79 -5.74 -18.31 -7.86
N ASP A 80 -5.18 -17.99 -6.70
CA ASP A 80 -4.23 -18.88 -6.01
C ASP A 80 -3.12 -19.39 -6.95
N GLY A 81 -2.62 -18.53 -7.83
CA GLY A 81 -1.54 -18.94 -8.76
C GLY A 81 -0.16 -19.14 -8.13
N ILE A 82 0.03 -18.55 -6.95
CA ILE A 82 1.23 -18.73 -6.15
C ILE A 82 0.80 -19.07 -4.72
N LYS A 83 1.42 -20.09 -4.17
CA LYS A 83 1.23 -20.51 -2.79
C LYS A 83 2.59 -20.38 -2.06
N GLN A 84 2.55 -20.04 -0.78
CA GLN A 84 3.76 -19.95 0.02
C GLN A 84 3.52 -20.28 1.48
N ILE A 85 4.21 -21.30 1.97
CA ILE A 85 4.07 -21.80 3.34
C ILE A 85 4.98 -21.08 4.33
N ALA A 86 4.42 -20.74 5.48
CA ALA A 86 5.20 -20.21 6.58
C ALA A 86 4.75 -20.85 7.89
N SER A 87 5.59 -20.73 8.91
CA SER A 87 5.15 -21.06 10.25
C SER A 87 5.60 -20.01 11.25
N VAL A 88 4.88 -19.98 12.35
CA VAL A 88 5.07 -18.99 13.39
C VAL A 88 5.18 -19.78 14.67
N GLU A 89 6.22 -19.50 15.44
CA GLU A 89 6.54 -20.29 16.62
C GLU A 89 7.04 -19.39 17.73
N GLY A 90 6.82 -19.80 18.97
CA GLY A 90 7.39 -19.10 20.10
C GLY A 90 6.38 -18.65 21.13
N ILE A 91 6.85 -17.87 22.09
CA ILE A 91 6.08 -17.59 23.27
C ILE A 91 4.75 -16.89 22.90
N SER A 92 4.79 -15.96 21.97
CA SER A 92 3.57 -15.26 21.59
C SER A 92 2.47 -16.16 21.00
N VAL A 93 2.86 -17.22 20.31
CA VAL A 93 1.91 -18.23 19.86
C VAL A 93 1.33 -18.99 21.06
N ASN A 94 2.17 -19.25 22.05
CA ASN A 94 1.73 -19.96 23.25
C ASN A 94 0.81 -19.13 24.16
N LEU A 95 1.09 -17.84 24.28
CA LEU A 95 0.32 -16.97 25.16
C LEU A 95 -1.01 -16.47 24.57
N GLY A 96 -1.30 -16.86 23.32
CA GLY A 96 -2.53 -16.44 22.65
C GLY A 96 -2.64 -14.93 22.53
N LYS A 97 -1.48 -14.29 22.47
CA LYS A 97 -1.34 -12.87 22.23
C LYS A 97 -1.59 -12.56 20.76
N PRO A 98 -2.02 -11.33 20.45
CA PRO A 98 -2.15 -10.95 19.04
C PRO A 98 -0.78 -10.78 18.36
N ILE A 99 -0.62 -11.39 17.19
CA ILE A 99 0.64 -11.41 16.43
C ILE A 99 0.52 -10.47 15.22
N LYS A 100 1.42 -9.50 15.13
CA LYS A 100 1.40 -8.53 14.03
C LYS A 100 2.43 -8.91 12.98
N LEU A 101 2.01 -9.04 11.72
CA LEU A 101 2.90 -9.38 10.66
C LEU A 101 3.17 -8.19 9.75
N LYS A 102 4.43 -7.75 9.73
CA LYS A 102 4.90 -6.72 8.84
C LYS A 102 5.37 -7.42 7.61
N TRP A 103 4.94 -6.91 6.45
CA TRP A 103 5.15 -7.57 5.19
C TRP A 103 5.29 -6.53 4.09
N LYS A 104 5.94 -6.89 3.02
CA LYS A 104 6.08 -6.03 1.86
C LYS A 104 6.08 -6.92 0.62
N ALA A 105 5.46 -6.47 -0.47
CA ALA A 105 5.51 -7.19 -1.75
C ALA A 105 5.94 -6.30 -2.88
N ASN A 106 6.70 -6.86 -3.80
CA ASN A 106 7.06 -6.20 -5.00
C ASN A 106 6.72 -7.08 -6.15
N TYR A 107 6.29 -6.45 -7.24
CA TYR A 107 5.99 -7.16 -8.46
C TYR A 107 5.89 -6.19 -9.60
N CYS A 108 5.94 -6.73 -10.80
CA CYS A 108 5.78 -5.91 -12.00
C CYS A 108 4.54 -6.34 -12.71
N THR A 109 3.72 -5.38 -13.10
CA THR A 109 2.64 -5.63 -13.99
C THR A 109 3.08 -4.95 -15.29
N LYS A 110 2.24 -4.96 -16.33
CA LYS A 110 2.60 -4.29 -17.59
C LYS A 110 2.48 -2.77 -17.41
N GLY A 111 3.61 -2.08 -17.54
CA GLY A 111 3.64 -0.64 -17.51
C GLY A 111 4.11 -0.08 -16.19
N ASP A 112 4.03 -0.89 -15.13
CA ASP A 112 4.34 -0.40 -13.80
C ASP A 112 5.18 -1.36 -12.98
N SER A 113 5.90 -0.80 -12.02
CA SER A 113 6.60 -1.57 -11.00
C SER A 113 5.99 -1.20 -9.65
N LYS A 114 5.40 -2.18 -8.98
CA LYS A 114 4.53 -1.87 -7.83
C LYS A 114 5.04 -2.45 -6.55
N GLU A 115 4.60 -1.82 -5.47
CA GLU A 115 4.96 -2.18 -4.11
C GLU A 115 3.68 -2.10 -3.32
N GLU A 116 3.52 -3.02 -2.38
CA GLU A 116 2.42 -2.98 -1.44
C GLU A 116 3.02 -3.42 -0.13
N SER A 117 2.52 -2.87 0.97
CA SER A 117 3.13 -3.13 2.26
C SER A 117 2.15 -2.90 3.35
N GLY A 118 2.37 -3.53 4.49
CA GLY A 118 1.47 -3.37 5.58
C GLY A 118 1.95 -4.08 6.83
N THR A 119 1.15 -3.93 7.87
CA THR A 119 1.31 -4.62 9.13
C THR A 119 -0.10 -5.11 9.42
N THR A 120 -0.25 -6.40 9.57
CA THR A 120 -1.54 -6.99 9.68
C THR A 120 -1.53 -7.83 10.95
N SER A 121 -2.58 -7.71 11.78
CA SER A 121 -2.72 -8.55 12.96
C SER A 121 -3.36 -9.84 12.54
N LEU A 122 -2.77 -10.96 12.93
CA LEU A 122 -3.35 -12.27 12.64
C LEU A 122 -4.39 -12.65 13.70
N PRO A 123 -5.52 -13.22 13.29
CA PRO A 123 -6.54 -13.61 14.27
C PRO A 123 -6.10 -14.70 15.26
N THR A 124 -7.03 -15.08 16.14
CA THR A 124 -6.80 -15.95 17.32
C THR A 124 -6.33 -17.38 17.10
N ILE A 125 -5.23 -17.69 17.79
CA ILE A 125 -4.73 -19.04 17.95
C ILE A 125 -5.84 -20.08 18.07
N ARG B 12 -13.50 17.05 -2.44
CA ARG B 12 -12.30 16.22 -2.19
C ARG B 12 -12.43 14.88 -2.84
N HIS B 13 -11.48 14.54 -3.72
CA HIS B 13 -11.28 13.16 -4.11
C HIS B 13 -10.26 12.55 -3.15
N ILE B 14 -10.32 11.24 -3.00
CA ILE B 14 -9.40 10.55 -2.12
C ILE B 14 -8.31 9.96 -2.99
N LEU B 15 -7.05 10.20 -2.64
CA LEU B 15 -5.95 9.61 -3.38
C LEU B 15 -5.66 8.27 -2.78
N ASN B 16 -5.60 8.25 -1.44
CA ASN B 16 -5.50 7.04 -0.68
C ASN B 16 -6.04 7.25 0.73
N GLN B 17 -6.53 6.16 1.33
CA GLN B 17 -6.83 6.14 2.77
C GLN B 17 -6.34 4.82 3.41
N SER B 18 -5.37 4.92 4.30
CA SER B 18 -4.89 3.76 5.03
C SER B 18 -5.43 3.84 6.47
N ASP B 19 -4.97 2.92 7.32
CA ASP B 19 -5.38 2.89 8.71
C ASP B 19 -4.84 4.07 9.52
N HIS B 20 -3.94 4.83 8.92
CA HIS B 20 -3.28 5.91 9.64
C HIS B 20 -3.46 7.28 8.99
N LEU B 21 -3.51 7.33 7.65
CA LEU B 21 -3.44 8.59 6.90
C LEU B 21 -4.52 8.66 5.83
N ARG B 22 -5.16 9.82 5.71
CA ARG B 22 -5.98 10.08 4.55
C ARG B 22 -5.28 11.14 3.71
N ILE B 23 -5.11 10.83 2.41
CA ILE B 23 -4.61 11.79 1.44
C ILE B 23 -5.76 12.08 0.50
N ASP B 24 -6.20 13.33 0.49
CA ASP B 24 -7.29 13.68 -0.39
C ASP B 24 -7.01 15.03 -1.04
N TYR B 25 -7.78 15.38 -2.04
CA TYR B 25 -7.43 16.60 -2.78
C TYR B 25 -8.56 17.19 -3.55
N GLU B 26 -8.50 18.51 -3.72
CA GLU B 26 -9.31 19.23 -4.70
C GLU B 26 -8.63 19.26 -6.07
N LEU B 27 -9.41 19.08 -7.13
CA LEU B 27 -8.92 19.06 -8.52
C LEU B 27 -9.63 20.06 -9.44
N THR B 28 -9.02 21.21 -9.69
CA THR B 28 -9.59 22.20 -10.59
C THR B 28 -9.08 21.99 -12.04
N ARG B 29 -9.38 22.94 -12.91
CA ARG B 29 -8.98 22.93 -14.32
C ARG B 29 -8.57 24.36 -14.62
N GLU B 30 -7.32 24.72 -14.31
CA GLU B 30 -6.89 26.11 -14.41
C GLU B 30 -6.77 26.66 -15.85
N SER B 31 -6.61 25.76 -16.83
CA SER B 31 -6.38 26.10 -18.24
C SER B 31 -6.81 24.95 -19.13
N MET B 32 -6.71 25.17 -20.43
CA MET B 32 -6.93 24.12 -21.43
C MET B 32 -5.85 23.02 -21.37
N THR B 33 -4.70 23.32 -20.74
CA THR B 33 -3.64 22.31 -20.56
C THR B 33 -3.22 22.00 -19.11
N LYS B 34 -3.60 22.85 -18.16
CA LYS B 34 -3.19 22.69 -16.77
C LYS B 34 -4.31 22.18 -15.82
N LEU B 35 -3.91 21.46 -14.77
CA LEU B 35 -4.81 21.05 -13.69
C LEU B 35 -4.13 21.38 -12.38
N ARG B 36 -4.88 21.92 -11.43
CA ARG B 36 -4.37 22.23 -10.09
C ARG B 36 -4.85 21.17 -9.07
N LEU B 37 -3.95 20.75 -8.18
CA LEU B 37 -4.32 19.81 -7.11
C LEU B 37 -3.99 20.49 -5.84
N VAL B 38 -4.98 20.59 -4.96
CA VAL B 38 -4.71 21.05 -3.61
C VAL B 38 -4.83 19.81 -2.77
N ILE B 39 -3.69 19.37 -2.23
CA ILE B 39 -3.57 18.10 -1.54
C ILE B 39 -3.58 18.33 -0.04
N PHE B 40 -4.46 17.60 0.65
CA PHE B 40 -4.50 17.66 2.12
C PHE B 40 -4.12 16.30 2.71
N TYR B 41 -3.38 16.35 3.82
CA TYR B 41 -3.00 15.15 4.57
C TYR B 41 -3.71 15.20 5.91
N SER B 42 -4.38 14.11 6.26
CA SER B 42 -5.09 14.02 7.52
C SER B 42 -4.65 12.77 8.31
N ASN B 43 -4.21 12.96 9.55
CA ASN B 43 -3.85 11.87 10.46
C ASN B 43 -5.13 11.35 11.14
N ILE B 44 -5.53 10.12 10.81
CA ILE B 44 -6.76 9.55 11.31
C ILE B 44 -6.48 8.44 12.34
N SER B 45 -5.31 8.51 12.97
CA SER B 45 -4.91 7.59 14.02
C SER B 45 -4.63 8.43 15.25
N SER B 46 -4.61 7.80 16.42
CA SER B 46 -4.43 8.53 17.68
C SER B 46 -2.98 8.64 18.10
N ASP B 47 -2.05 8.44 17.17
CA ASP B 47 -0.63 8.71 17.42
C ASP B 47 -0.09 9.69 16.39
N PRO B 48 0.81 10.58 16.83
CA PRO B 48 1.34 11.62 15.94
C PRO B 48 2.19 11.07 14.80
N ILE B 49 2.19 11.77 13.68
CA ILE B 49 2.93 11.39 12.48
C ILE B 49 4.03 12.42 12.23
N THR B 50 5.25 11.93 12.03
CA THR B 50 6.41 12.79 11.80
C THR B 50 7.11 12.40 10.47
N ASN B 51 7.92 13.32 9.96
CA ASN B 51 8.75 13.06 8.80
C ASN B 51 7.97 12.72 7.56
N PHE B 52 6.86 13.44 7.38
CA PHE B 52 6.01 13.13 6.27
C PHE B 52 6.57 13.71 5.00
N ALA B 53 6.44 12.96 3.91
CA ALA B 53 6.75 13.49 2.58
C ALA B 53 6.10 12.65 1.50
N LEU B 54 5.51 13.34 0.52
CA LEU B 54 4.94 12.72 -0.65
C LEU B 54 5.96 12.91 -1.77
N LEU B 55 6.30 11.80 -2.44
CA LEU B 55 7.09 11.79 -3.64
C LEU B 55 6.17 11.45 -4.77
N VAL B 56 6.39 12.06 -5.93
CA VAL B 56 5.54 11.86 -7.08
C VAL B 56 6.38 11.76 -8.38
N ALA B 57 5.90 10.99 -9.35
CA ALA B 57 6.51 10.97 -10.69
C ALA B 57 5.68 11.83 -11.69
N SER B 58 6.35 12.43 -12.69
CA SER B 58 5.63 13.07 -13.81
C SER B 58 4.80 12.03 -14.47
N PRO B 59 3.51 12.28 -14.63
CA PRO B 59 2.77 11.38 -15.54
C PRO B 59 3.36 11.42 -16.95
N LYS B 60 3.11 10.36 -17.71
CA LYS B 60 3.73 10.17 -19.01
C LYS B 60 3.84 11.47 -19.80
N GLY B 61 2.72 12.05 -20.20
CA GLY B 61 2.87 13.14 -21.17
C GLY B 61 2.84 14.54 -20.62
N THR B 62 3.56 14.76 -19.53
CA THR B 62 3.13 15.77 -18.60
C THR B 62 4.24 16.31 -17.77
N THR B 63 4.18 17.60 -17.51
CA THR B 63 5.05 18.24 -16.58
C THR B 63 4.34 18.35 -15.26
N LEU B 64 5.04 17.99 -14.17
CA LEU B 64 4.48 17.99 -12.83
C LEU B 64 5.18 19.03 -12.00
N SER B 65 4.42 19.90 -11.36
CA SER B 65 5.00 20.81 -10.38
C SER B 65 4.55 20.44 -8.98
N LEU B 66 5.46 20.57 -8.02
CA LEU B 66 5.16 20.32 -6.63
C LEU B 66 5.68 21.45 -5.77
N GLN B 67 4.74 22.18 -5.17
CA GLN B 67 5.05 23.26 -4.27
C GLN B 67 5.36 22.70 -2.92
N PRO B 68 5.95 23.52 -2.04
CA PRO B 68 6.33 22.91 -0.79
C PRO B 68 5.11 22.65 0.13
N GLN B 69 5.13 21.53 0.82
CA GLN B 69 4.12 21.23 1.82
C GLN B 69 4.25 22.21 2.99
N SER B 70 3.14 22.46 3.66
CA SER B 70 3.05 23.46 4.74
C SER B 70 3.84 23.04 5.97
N GLY B 71 3.99 21.74 6.18
CA GLY B 71 4.89 21.21 7.22
C GLY B 71 5.06 19.72 7.02
N ASN B 72 5.64 19.00 7.99
CA ASN B 72 5.85 17.56 7.83
C ASN B 72 5.47 16.73 9.05
N MET B 73 4.60 17.30 9.88
CA MET B 73 4.17 16.63 11.10
C MET B 73 2.64 16.78 11.18
N LEU B 74 1.95 15.70 11.54
CA LEU B 74 0.50 15.72 11.81
C LEU B 74 0.19 15.26 13.25
N GLN B 75 -0.47 16.11 14.04
CA GLN B 75 -0.94 15.72 15.39
C GLN B 75 -1.86 14.56 15.24
N SER B 76 -2.09 13.88 16.36
CA SER B 76 -3.10 12.83 16.49
C SER B 76 -4.45 13.36 16.04
N ASN B 77 -5.21 12.52 15.36
CA ASN B 77 -6.53 12.92 14.84
C ASN B 77 -6.53 14.40 14.40
N SER B 78 -5.63 14.74 13.48
CA SER B 78 -5.55 16.10 12.91
C SER B 78 -6.12 16.06 11.50
N ARG B 79 -7.14 16.86 11.21
CA ARG B 79 -7.71 16.91 9.86
C ARG B 79 -7.07 18.02 9.06
N ASP B 80 -6.82 17.76 7.77
CA ASP B 80 -6.09 18.69 6.90
C ASP B 80 -4.94 19.36 7.63
N GLY B 81 -4.13 18.56 8.33
CA GLY B 81 -2.96 19.10 9.06
C GLY B 81 -1.83 19.61 8.17
N ILE B 82 -1.73 19.09 6.97
CA ILE B 82 -0.73 19.57 6.00
C ILE B 82 -1.44 19.81 4.67
N LYS B 83 -1.05 20.90 4.01
CA LYS B 83 -1.50 21.19 2.66
C LYS B 83 -0.31 21.30 1.67
N GLN B 84 -0.50 20.80 0.47
CA GLN B 84 0.53 20.89 -0.57
C GLN B 84 -0.12 21.15 -1.90
N ILE B 85 0.38 22.13 -2.65
CA ILE B 85 -0.14 22.42 -3.99
C ILE B 85 0.69 21.73 -5.05
N ALA B 86 0.01 21.12 -6.01
CA ALA B 86 0.61 20.42 -7.10
C ALA B 86 -0.08 20.87 -8.39
N SER B 87 0.64 20.79 -9.49
CA SER B 87 0.04 21.01 -10.80
C SER B 87 0.59 20.03 -11.81
N VAL B 88 -0.21 19.83 -12.83
CA VAL B 88 0.07 18.90 -13.86
C VAL B 88 -0.27 19.67 -15.15
N GLU B 89 0.73 19.88 -15.99
CA GLU B 89 0.55 20.67 -17.23
C GLU B 89 1.01 19.85 -18.43
N GLY B 90 0.18 19.78 -19.45
CA GLY B 90 0.55 19.05 -20.64
C GLY B 90 -0.63 18.87 -21.54
N ILE B 91 -0.36 18.39 -22.76
CA ILE B 91 -1.36 18.14 -23.75
C ILE B 91 -2.35 17.09 -23.29
N SER B 92 -1.87 16.11 -22.51
CA SER B 92 -2.73 14.97 -22.14
C SER B 92 -3.86 15.39 -21.22
N VAL B 93 -3.72 16.56 -20.60
CA VAL B 93 -4.79 17.21 -19.86
C VAL B 93 -5.97 17.67 -20.75
N ASN B 94 -5.74 17.81 -22.05
CA ASN B 94 -6.80 18.09 -23.02
C ASN B 94 -7.12 16.88 -23.87
N LEU B 95 -6.36 15.81 -23.74
CA LEU B 95 -6.69 14.59 -24.43
C LEU B 95 -7.67 13.73 -23.60
N GLY B 96 -8.03 12.56 -24.13
CA GLY B 96 -9.07 11.74 -23.55
C GLY B 96 -8.62 10.61 -22.66
N LYS B 97 -7.31 10.42 -22.53
CA LYS B 97 -6.78 9.30 -21.75
C LYS B 97 -6.61 9.76 -20.32
N PRO B 98 -6.77 8.82 -19.37
CA PRO B 98 -6.59 9.31 -18.01
C PRO B 98 -5.12 9.50 -17.67
N ILE B 99 -4.88 10.39 -16.72
CA ILE B 99 -3.57 10.81 -16.28
C ILE B 99 -3.29 10.07 -14.97
N LYS B 100 -2.25 9.24 -14.96
CA LYS B 100 -1.91 8.43 -13.80
C LYS B 100 -0.82 9.11 -12.99
N LEU B 101 -1.10 9.25 -11.69
CA LEU B 101 -0.18 9.77 -10.72
C LEU B 101 0.43 8.64 -9.90
N LYS B 102 1.71 8.34 -10.14
CA LYS B 102 2.46 7.42 -9.34
C LYS B 102 3.07 8.19 -8.16
N TRP B 103 2.79 7.77 -6.93
CA TRP B 103 3.12 8.52 -5.74
C TRP B 103 3.59 7.56 -4.66
N LYS B 104 4.32 8.09 -3.70
CA LYS B 104 4.76 7.33 -2.56
C LYS B 104 4.73 8.29 -1.41
N ALA B 105 4.40 7.76 -0.23
CA ALA B 105 4.50 8.52 1.00
C ALA B 105 5.40 7.84 2.02
N ASN B 106 6.13 8.64 2.79
CA ASN B 106 6.98 8.14 3.82
C ASN B 106 6.76 8.97 5.02
N TYR B 107 6.65 8.31 6.17
CA TYR B 107 6.54 8.98 7.46
C TYR B 107 6.73 8.02 8.60
N CYS B 108 6.93 8.56 9.80
CA CYS B 108 7.19 7.75 10.99
C CYS B 108 6.07 7.93 12.00
N THR B 109 5.54 6.81 12.52
CA THR B 109 4.48 6.83 13.54
C THR B 109 4.39 5.51 14.30
N LYS B 110 4.14 5.60 15.61
CA LYS B 110 3.73 4.45 16.44
C LYS B 110 4.72 3.30 16.33
N GLY B 111 5.97 3.56 16.71
CA GLY B 111 7.03 2.57 16.53
C GLY B 111 7.13 1.94 15.14
N ASP B 112 6.96 2.74 14.08
CA ASP B 112 6.96 2.22 12.71
C ASP B 112 7.41 3.29 11.69
N SER B 113 8.16 2.85 10.69
CA SER B 113 8.58 3.70 9.58
C SER B 113 7.76 3.23 8.39
N LYS B 114 6.72 4.00 8.05
CA LYS B 114 5.72 3.50 7.09
C LYS B 114 5.95 4.03 5.68
N GLU B 115 5.40 3.29 4.73
CA GLU B 115 5.43 3.65 3.33
C GLU B 115 4.10 3.27 2.70
N GLU B 116 3.56 4.16 1.90
CA GLU B 116 2.34 3.89 1.19
C GLU B 116 2.58 4.24 -0.25
N SER B 117 1.88 3.60 -1.18
CA SER B 117 2.12 3.87 -2.57
C SER B 117 0.95 3.50 -3.41
N GLY B 118 0.92 4.02 -4.61
CA GLY B 118 -0.13 3.73 -5.55
C GLY B 118 0.12 4.43 -6.87
N THR B 119 -0.59 3.98 -7.90
CA THR B 119 -0.60 4.61 -9.20
C THR B 119 -2.07 4.84 -9.50
N THR B 120 -2.57 6.00 -9.07
CA THR B 120 -4.00 6.28 -9.16
C THR B 120 -4.28 7.11 -10.40
N SER B 121 -5.15 6.57 -11.25
CA SER B 121 -5.78 7.35 -12.31
C SER B 121 -6.45 8.55 -11.67
N LEU B 122 -6.22 9.75 -12.19
CA LEU B 122 -6.95 10.90 -11.69
C LEU B 122 -8.34 10.83 -12.30
N PRO B 123 -9.31 11.53 -11.69
CA PRO B 123 -10.58 11.67 -12.40
C PRO B 123 -10.42 12.66 -13.53
N THR B 124 -10.87 12.28 -14.72
CA THR B 124 -10.84 13.16 -15.89
C THR B 124 -11.80 14.32 -15.69
N ILE B 125 -11.32 15.54 -15.91
CA ILE B 125 -12.16 16.73 -15.83
C ILE B 125 -12.69 17.04 -17.23
#